data_7AXT
#
_entry.id   7AXT
#
_cell.length_a   58.448
_cell.length_b   73.258
_cell.length_c   109.473
_cell.angle_alpha   90.000
_cell.angle_beta   90.000
_cell.angle_gamma   90.000
#
_symmetry.space_group_name_H-M   'P 21 21 21'
#
loop_
_entity.id
_entity.type
_entity.pdbx_description
1 polymer 'cAMP-dependent protein kinase catalytic subunit alpha'
2 polymer 'cAMP-dependent protein kinase inhibitor alpha'
3 non-polymer 'isoquinoline-5-carboxylic acid'
4 water water
#
loop_
_entity_poly.entity_id
_entity_poly.type
_entity_poly.pdbx_seq_one_letter_code
_entity_poly.pdbx_strand_id
1 'polypeptide(L)'
;GHMGNAAAAKKG(SEP)EQESVKEFLAKAKEEFLKKWESPSQNTAQLDHFDRIKTLGTGSFGRVMLVKHKETGNHYAMKI
LDKQKVVKLKQIEHTLNEKRILQAVNFPFLVKLEFSFKDNSNLYMVMEYVPGGEMFSHLRRIGRFSEPHARFYAAQIVLT
FEYLHSLDLIYRDLKPENLLIDQQGYIQVTDFGFAKRVKGRTW(TPO)LCGTPEYLAPEIILSKGYNKAVDWWALGVLIY
EMAAGYPPFFADQPIQIYEKIVSGKVRFPSHFSSDLKDLLRNLLQVDLTKRFGNLKNGVNDIKNHKWFATTDWIAIYQRK
VEAPFIPKFKGPGDTSNFDDYEEEEIRV(SEP)INEKCGKEFTEF
;
A
2 'polypeptide(L)' TTYADFIASGRTGRRNAIHD B
#
loop_
_chem_comp.id
_chem_comp.type
_chem_comp.name
_chem_comp.formula
S9B non-polymer 'isoquinoline-5-carboxylic acid' 'C10 H7 N O2'
#
# COMPACT_ATOMS: atom_id res chain seq x y z
N GLY A 1 -28.04 14.86 20.27
CA GLY A 1 -26.64 14.78 19.76
C GLY A 1 -26.64 14.47 18.27
N HIS A 2 -25.49 14.10 17.73
CA HIS A 2 -25.44 13.83 16.30
C HIS A 2 -26.22 12.57 15.95
N MET A 3 -25.99 11.48 16.67
CA MET A 3 -26.69 10.21 16.40
C MET A 3 -27.83 10.00 17.38
N GLY A 4 -29.00 9.63 16.86
CA GLY A 4 -30.06 9.10 17.67
C GLY A 4 -29.69 7.72 18.19
N ASN A 5 -30.58 7.16 19.00
CA ASN A 5 -30.29 5.91 19.72
C ASN A 5 -29.92 4.79 18.75
N ALA A 6 -30.75 4.59 17.74
CA ALA A 6 -30.58 3.48 16.81
C ALA A 6 -29.22 3.55 16.11
N ALA A 7 -28.87 4.73 15.61
CA ALA A 7 -27.59 4.85 14.93
C ALA A 7 -26.45 4.66 15.92
N ALA A 8 -26.61 5.16 17.13
CA ALA A 8 -25.55 5.02 18.12
C ALA A 8 -25.34 3.55 18.46
N ALA A 9 -26.43 2.83 18.69
CA ALA A 9 -26.30 1.42 19.01
C ALA A 9 -25.68 0.65 17.84
N LYS A 10 -26.11 0.96 16.60
CA LYS A 10 -25.54 0.31 15.43
C LYS A 10 -24.04 0.57 15.32
N LYS A 11 -23.63 1.83 15.47
CA LYS A 11 -22.20 2.16 15.36
C LYS A 11 -21.39 1.47 16.45
N GLY A 12 -21.87 1.50 17.68
CA GLY A 12 -21.12 0.91 18.77
C GLY A 12 -20.95 -0.57 18.49
N SEP A 13 -22.04 -1.23 18.05
CA SEP A 13 -21.96 -2.68 17.80
CB SEP A 13 -23.36 -3.22 17.47
OG SEP A 13 -23.24 -4.45 16.76
C SEP A 13 -20.96 -3.01 16.66
O SEP A 13 -20.18 -4.00 16.75
P SEP A 13 -24.34 -5.55 17.22
O1P SEP A 13 -24.06 -6.91 16.38
O2P SEP A 13 -25.77 -4.92 16.88
O3P SEP A 13 -24.24 -5.84 18.77
H SEP A 13 -22.80 -0.86 17.91
HA SEP A 13 -21.64 -3.12 18.61
HB2 SEP A 13 -23.83 -2.58 16.92
HB3 SEP A 13 -23.84 -3.38 18.30
N GLU A 14 -20.95 -2.19 15.63
CA GLU A 14 -19.98 -2.33 14.54
C GLU A 14 -18.53 -2.18 15.05
N GLN A 15 -18.27 -1.21 15.93
CA GLN A 15 -16.92 -1.01 16.43
C GLN A 15 -16.49 -2.17 17.30
N GLU A 16 -17.42 -2.74 18.07
CA GLU A 16 -17.11 -3.93 18.85
C GLU A 16 -16.81 -5.14 17.96
N SER A 17 -17.54 -5.28 16.85
CA SER A 17 -17.29 -6.39 15.93
C SER A 17 -15.94 -6.26 15.26
N VAL A 18 -15.50 -5.03 15.02
CA VAL A 18 -14.15 -4.86 14.48
C VAL A 18 -13.12 -5.41 15.45
N LYS A 19 -13.26 -5.05 16.73
CA LYS A 19 -12.33 -5.53 17.76
C LYS A 19 -12.25 -7.03 17.76
N GLU A 20 -13.40 -7.69 17.61
CA GLU A 20 -13.46 -9.14 17.64
C GLU A 20 -12.83 -9.74 16.40
N PHE A 21 -13.04 -9.10 15.24
CA PHE A 21 -12.38 -9.56 14.03
C PHE A 21 -10.88 -9.43 14.13
N LEU A 22 -10.39 -8.26 14.56
CA LEU A 22 -8.95 -8.03 14.64
C LEU A 22 -8.28 -8.98 15.63
N ALA A 23 -8.97 -9.33 16.71
CA ALA A 23 -8.39 -10.22 17.69
C ALA A 23 -8.11 -11.58 17.08
N LYS A 24 -9.11 -12.13 16.37
CA LYS A 24 -8.92 -13.39 15.66
C LYS A 24 -7.85 -13.27 14.57
N ALA A 25 -7.81 -12.14 13.86
CA ALA A 25 -6.83 -12.02 12.78
C ALA A 25 -5.40 -11.96 13.32
N LYS A 26 -5.22 -11.41 14.52
CA LYS A 26 -3.89 -11.41 15.11
C LYS A 26 -3.46 -12.82 15.51
N GLU A 27 -4.37 -13.61 16.08
CA GLU A 27 -4.09 -15.03 16.35
C GLU A 27 -3.62 -15.75 15.11
N GLU A 28 -4.40 -15.68 14.02
CA GLU A 28 -4.01 -16.31 12.76
C GLU A 28 -2.67 -15.80 12.25
N PHE A 29 -2.44 -14.48 12.32
CA PHE A 29 -1.19 -13.93 11.81
C PHE A 29 0.01 -14.46 12.60
N LEU A 30 -0.08 -14.39 13.93
CA LEU A 30 1.07 -14.74 14.76
C LEU A 30 1.44 -16.21 14.61
N LYS A 31 0.48 -17.08 14.34
CA LYS A 31 0.80 -18.49 14.12
C LYS A 31 1.70 -18.65 12.89
N LYS A 32 1.32 -17.99 11.80
CA LYS A 32 2.13 -18.07 10.59
C LYS A 32 3.42 -17.25 10.73
N TRP A 33 3.36 -16.13 11.45
CA TRP A 33 4.55 -15.35 11.71
C TRP A 33 5.60 -16.18 12.44
N GLU A 34 5.13 -17.01 13.37
CA GLU A 34 6.03 -17.77 14.23
C GLU A 34 6.49 -19.06 13.56
N SER A 35 5.83 -19.51 12.50
CA SER A 35 6.21 -20.74 11.79
C SER A 35 6.01 -20.56 10.29
N PRO A 36 6.86 -19.75 9.65
CA PRO A 36 6.61 -19.38 8.25
C PRO A 36 6.71 -20.56 7.30
N SER A 37 5.99 -20.46 6.19
CA SER A 37 6.10 -21.46 5.13
C SER A 37 7.37 -21.21 4.30
N GLN A 38 7.99 -22.29 3.85
CA GLN A 38 9.19 -22.25 3.02
C GLN A 38 9.08 -23.27 1.91
N ASN A 39 9.72 -22.95 0.78
CA ASN A 39 10.01 -23.92 -0.28
C ASN A 39 8.75 -24.65 -0.75
N THR A 40 7.81 -23.86 -1.24
CA THR A 40 6.48 -24.36 -1.55
C THR A 40 6.29 -24.57 -3.05
N ALA A 41 7.37 -24.49 -3.84
CA ALA A 41 7.31 -24.66 -5.29
C ALA A 41 8.74 -24.59 -5.85
N GLN A 42 8.88 -24.69 -7.16
CA GLN A 42 10.21 -24.59 -7.74
C GLN A 42 10.10 -23.98 -9.13
N LEU A 43 11.24 -23.49 -9.62
CA LEU A 43 11.26 -22.66 -10.81
C LEU A 43 10.70 -23.39 -12.03
N ASP A 44 11.08 -24.66 -12.20
CA ASP A 44 10.61 -25.34 -13.41
C ASP A 44 9.13 -25.65 -13.36
N HIS A 45 8.44 -25.31 -12.26
CA HIS A 45 6.98 -25.40 -12.25
C HIS A 45 6.32 -24.28 -13.06
N PHE A 46 7.11 -23.37 -13.62
CA PHE A 46 6.60 -22.13 -14.18
C PHE A 46 7.27 -21.84 -15.52
N ASP A 47 6.47 -21.41 -16.48
CA ASP A 47 6.97 -20.84 -17.72
C ASP A 47 7.10 -19.33 -17.51
N ARG A 48 8.26 -18.77 -17.85
CA ARG A 48 8.42 -17.32 -17.79
C ARG A 48 7.82 -16.69 -19.04
N ILE A 49 7.04 -15.62 -18.88
CA ILE A 49 6.32 -15.01 -20.01
C ILE A 49 6.88 -13.64 -20.37
N LYS A 50 6.97 -12.73 -19.40
CA LYS A 50 7.26 -11.33 -19.70
C LYS A 50 7.66 -10.60 -18.43
N THR A 51 8.64 -9.71 -18.54
CA THR A 51 9.02 -8.85 -17.43
C THR A 51 7.99 -7.72 -17.25
N LEU A 52 7.61 -7.48 -15.99
CA LEU A 52 6.52 -6.56 -15.68
C LEU A 52 7.02 -5.26 -15.05
N GLY A 58 16.12 -6.54 -8.08
CA GLY A 58 15.69 -7.70 -8.83
C GLY A 58 14.72 -7.43 -9.98
N ARG A 59 13.76 -8.33 -10.18
CA ARG A 59 12.82 -8.22 -11.29
C ARG A 59 11.51 -8.91 -10.91
N VAL A 60 10.43 -8.49 -11.56
CA VAL A 60 9.11 -9.11 -11.42
C VAL A 60 8.68 -9.56 -12.81
N MET A 61 8.32 -10.85 -12.94
CA MET A 61 7.96 -11.42 -14.23
C MET A 61 6.60 -12.09 -14.16
N LEU A 62 5.82 -11.93 -15.23
CA LEU A 62 4.63 -12.74 -15.40
C LEU A 62 5.07 -14.16 -15.69
N VAL A 63 4.50 -15.13 -14.97
CA VAL A 63 4.81 -16.53 -15.18
C VAL A 63 3.51 -17.30 -15.17
N LYS A 64 3.55 -18.49 -15.77
CA LYS A 64 2.38 -19.36 -15.90
C LYS A 64 2.73 -20.68 -15.25
N HIS A 65 1.92 -21.11 -14.30
CA HIS A 65 2.09 -22.41 -13.67
C HIS A 65 1.74 -23.50 -14.67
N LYS A 66 2.67 -24.42 -14.89
CA LYS A 66 2.57 -25.35 -16.01
C LYS A 66 1.36 -26.27 -15.90
N GLU A 67 0.93 -26.60 -14.68
CA GLU A 67 -0.12 -27.59 -14.44
C GLU A 67 -1.50 -26.97 -14.24
N THR A 68 -1.58 -25.76 -13.69
CA THR A 68 -2.87 -25.10 -13.50
C THR A 68 -3.16 -24.02 -14.53
N GLY A 69 -2.15 -23.54 -15.26
CA GLY A 69 -2.34 -22.41 -16.14
C GLY A 69 -2.63 -21.10 -15.43
N ASN A 70 -2.65 -21.10 -14.09
CA ASN A 70 -2.75 -19.86 -13.34
C ASN A 70 -1.55 -18.99 -13.63
N HIS A 71 -1.76 -17.68 -13.70
CA HIS A 71 -0.65 -16.75 -13.88
C HIS A 71 -0.24 -16.22 -12.53
N TYR A 72 1.04 -15.84 -12.44
CA TYR A 72 1.59 -15.28 -11.20
C TYR A 72 2.56 -14.16 -11.55
N ALA A 73 2.75 -13.24 -10.61
CA ALA A 73 3.85 -12.29 -10.68
C ALA A 73 4.98 -12.84 -9.82
N MET A 74 6.11 -13.13 -10.46
CA MET A 74 7.24 -13.77 -9.79
C MET A 74 8.30 -12.72 -9.59
N LYS A 75 8.55 -12.36 -8.33
CA LYS A 75 9.61 -11.44 -7.97
C LYS A 75 10.90 -12.23 -7.81
N ILE A 76 11.90 -11.88 -8.61
CA ILE A 76 13.19 -12.56 -8.65
C ILE A 76 14.24 -11.62 -8.08
N LEU A 77 14.96 -12.08 -7.06
CA LEU A 77 15.95 -11.27 -6.36
C LEU A 77 17.27 -12.01 -6.34
N ASP A 78 18.32 -11.40 -6.90
CA ASP A 78 19.62 -12.05 -6.92
C ASP A 78 20.27 -11.88 -5.54
N LYS A 79 20.57 -13.00 -4.89
CA LYS A 79 21.04 -12.93 -3.51
C LYS A 79 22.27 -12.05 -3.38
N GLN A 80 23.31 -12.33 -4.17
CA GLN A 80 24.53 -11.57 -4.04
C GLN A 80 24.27 -10.07 -4.19
N LYS A 81 23.25 -9.71 -4.98
CA LYS A 81 22.93 -8.29 -5.18
C LYS A 81 22.08 -7.72 -4.03
N VAL A 82 21.33 -8.56 -3.31
CA VAL A 82 20.70 -8.10 -2.07
C VAL A 82 21.78 -7.75 -1.04
N VAL A 83 22.84 -8.56 -0.98
CA VAL A 83 23.88 -8.37 0.02
C VAL A 83 24.60 -7.04 -0.21
N LYS A 84 25.14 -6.84 -1.41
CA LYS A 84 25.91 -5.63 -1.70
C LYS A 84 25.10 -4.36 -1.45
N LEU A 85 23.78 -4.43 -1.48
CA LEU A 85 22.93 -3.28 -1.27
C LEU A 85 22.35 -3.21 0.13
N LYS A 86 22.85 -4.04 1.06
CA LYS A 86 22.48 -3.98 2.48
C LYS A 86 20.98 -4.19 2.69
N GLN A 87 20.44 -5.29 2.13
CA GLN A 87 18.99 -5.49 2.12
C GLN A 87 18.57 -6.86 2.62
N ILE A 88 19.45 -7.61 3.29
CA ILE A 88 19.10 -8.95 3.74
C ILE A 88 17.87 -8.90 4.64
N GLU A 89 17.89 -8.03 5.66
CA GLU A 89 16.81 -8.07 6.65
C GLU A 89 15.48 -7.64 6.04
N HIS A 90 15.51 -6.58 5.21
CA HIS A 90 14.29 -6.13 4.52
C HIS A 90 13.69 -7.23 3.64
N THR A 91 14.54 -7.91 2.88
CA THR A 91 14.04 -8.96 1.99
C THR A 91 13.46 -10.11 2.80
N LEU A 92 14.21 -10.60 3.79
CA LEU A 92 13.68 -11.63 4.68
C LEU A 92 12.37 -11.19 5.33
N ASN A 93 12.32 -9.95 5.79
CA ASN A 93 11.13 -9.47 6.51
C ASN A 93 9.92 -9.34 5.58
N GLU A 94 10.13 -8.78 4.39
CA GLU A 94 9.05 -8.68 3.42
C GLU A 94 8.43 -10.04 3.13
N LYS A 95 9.27 -11.06 2.95
CA LYS A 95 8.73 -12.39 2.65
C LYS A 95 8.01 -12.93 3.87
N ARG A 96 8.57 -12.69 5.05
CA ARG A 96 7.94 -13.17 6.27
C ARG A 96 6.58 -12.52 6.47
N ILE A 97 6.50 -11.21 6.24
CA ILE A 97 5.22 -10.54 6.40
C ILE A 97 4.20 -11.08 5.40
N LEU A 98 4.62 -11.21 4.15
CA LEU A 98 3.69 -11.60 3.10
C LEU A 98 3.13 -12.98 3.32
N GLN A 99 3.94 -13.91 3.84
CA GLN A 99 3.42 -15.25 4.04
C GLN A 99 2.58 -15.36 5.31
N ALA A 100 2.56 -14.32 6.15
CA ALA A 100 1.79 -14.40 7.39
C ALA A 100 0.48 -13.61 7.36
N VAL A 101 0.39 -12.54 6.56
CA VAL A 101 -0.82 -11.72 6.53
C VAL A 101 -1.90 -12.39 5.67
N ASN A 102 -3.13 -11.94 5.86
CA ASN A 102 -4.28 -12.41 5.09
C ASN A 102 -5.33 -11.31 5.19
N PHE A 103 -5.58 -10.64 4.08
CA PHE A 103 -6.56 -9.57 3.98
C PHE A 103 -6.94 -9.40 2.52
N PRO A 104 -8.19 -9.04 2.23
CA PRO A 104 -8.64 -9.03 0.83
C PRO A 104 -7.94 -8.01 -0.03
N PHE A 105 -7.26 -7.03 0.56
CA PHE A 105 -6.62 -5.97 -0.22
C PHE A 105 -5.10 -6.03 -0.12
N LEU A 106 -4.56 -7.16 0.33
CA LEU A 106 -3.13 -7.40 0.35
C LEU A 106 -2.80 -8.51 -0.66
N VAL A 107 -1.84 -8.24 -1.54
CA VAL A 107 -1.43 -9.25 -2.50
C VAL A 107 -1.03 -10.54 -1.81
N LYS A 108 -1.28 -11.66 -2.47
CA LYS A 108 -1.15 -12.96 -1.85
C LYS A 108 0.10 -13.65 -2.37
N LEU A 109 0.99 -13.98 -1.45
CA LEU A 109 2.15 -14.81 -1.74
C LEU A 109 1.67 -16.26 -1.84
N GLU A 110 1.67 -16.81 -3.05
CA GLU A 110 1.22 -18.19 -3.21
C GLU A 110 2.36 -19.19 -3.04
N PHE A 111 3.55 -18.84 -3.52
CA PHE A 111 4.70 -19.72 -3.39
C PHE A 111 5.93 -18.89 -3.08
N SER A 112 6.89 -19.53 -2.45
CA SER A 112 8.24 -18.98 -2.41
C SER A 112 9.21 -20.14 -2.34
N PHE A 113 10.43 -19.86 -2.76
CA PHE A 113 11.50 -20.83 -2.85
C PHE A 113 12.76 -20.04 -3.19
N LYS A 114 13.89 -20.71 -3.12
CA LYS A 114 15.16 -20.11 -3.49
C LYS A 114 15.98 -21.17 -4.19
N ASP A 115 17.06 -20.74 -4.85
CA ASP A 115 18.01 -21.64 -5.48
C ASP A 115 19.41 -21.06 -5.30
N ASN A 116 20.41 -21.64 -5.98
CA ASN A 116 21.79 -21.24 -5.70
C ASN A 116 22.01 -19.74 -5.89
N SER A 117 21.22 -19.07 -6.71
CA SER A 117 21.49 -17.68 -7.06
C SER A 117 20.42 -16.71 -6.61
N ASN A 118 19.14 -17.11 -6.65
CA ASN A 118 18.06 -16.15 -6.46
C ASN A 118 17.10 -16.61 -5.35
N LEU A 119 16.33 -15.64 -4.87
CA LEU A 119 15.17 -15.84 -4.01
C LEU A 119 13.94 -15.56 -4.86
N TYR A 120 12.87 -16.32 -4.65
CA TYR A 120 11.68 -16.16 -5.48
C TYR A 120 10.44 -15.97 -4.61
N MET A 121 9.66 -14.95 -4.94
CA MET A 121 8.36 -14.72 -4.34
C MET A 121 7.34 -14.74 -5.46
N VAL A 122 6.43 -15.69 -5.43
CA VAL A 122 5.42 -15.85 -6.46
C VAL A 122 4.08 -15.43 -5.86
N MET A 123 3.53 -14.30 -6.31
CA MET A 123 2.23 -13.89 -5.82
C MET A 123 1.20 -13.88 -6.93
N GLU A 124 -0.05 -13.83 -6.48
CA GLU A 124 -1.17 -13.77 -7.41
C GLU A 124 -0.91 -12.59 -8.35
N TYR A 125 -1.11 -12.83 -9.64
CA TYR A 125 -0.98 -11.79 -10.65
C TYR A 125 -2.18 -10.85 -10.56
N VAL A 126 -1.91 -9.57 -10.38
CA VAL A 126 -2.97 -8.58 -10.32
C VAL A 126 -2.95 -7.88 -11.68
N PRO A 127 -3.88 -8.18 -12.58
CA PRO A 127 -3.64 -7.83 -13.99
C PRO A 127 -3.99 -6.39 -14.33
N GLY A 128 -4.65 -5.66 -13.43
CA GLY A 128 -5.14 -4.32 -13.78
C GLY A 128 -4.10 -3.22 -13.79
N GLY A 129 -2.87 -3.51 -13.39
CA GLY A 129 -1.84 -2.49 -13.34
C GLY A 129 -1.86 -1.64 -12.07
N GLU A 130 -0.93 -0.70 -12.03
CA GLU A 130 -0.81 0.21 -10.90
C GLU A 130 -1.88 1.30 -10.96
N MET A 131 -2.36 1.72 -9.79
CA MET A 131 -3.24 2.87 -9.73
C MET A 131 -2.59 4.08 -10.35
N PHE A 132 -1.27 4.18 -10.21
CA PHE A 132 -0.53 5.33 -10.72
C PHE A 132 -0.86 5.60 -12.17
N SER A 133 -0.79 4.55 -13.01
CA SER A 133 -1.05 4.70 -14.44
C SER A 133 -2.46 5.20 -14.70
N HIS A 134 -3.44 4.58 -14.06
CA HIS A 134 -4.82 4.99 -14.26
C HIS A 134 -5.04 6.43 -13.82
N LEU A 135 -4.42 6.82 -12.70
CA LEU A 135 -4.61 8.16 -12.17
C LEU A 135 -4.02 9.20 -13.11
N ARG A 136 -2.80 8.94 -13.60
CA ARG A 136 -2.21 9.90 -14.55
C ARG A 136 -3.00 9.96 -15.85
N ARG A 137 -3.53 8.81 -16.28
CA ARG A 137 -4.25 8.77 -17.53
C ARG A 137 -5.58 9.50 -17.43
N ILE A 138 -6.35 9.18 -16.40
CA ILE A 138 -7.67 9.77 -16.21
C ILE A 138 -7.54 11.21 -15.76
N GLY A 139 -6.45 11.51 -15.05
CA GLY A 139 -6.10 12.83 -14.59
C GLY A 139 -6.31 12.96 -13.11
N ARG A 140 -7.56 12.74 -12.69
CA ARG A 140 -7.96 12.70 -11.30
C ARG A 140 -9.22 11.87 -11.19
N PHE A 141 -9.45 11.35 -9.97
CA PHE A 141 -10.61 10.53 -9.67
C PHE A 141 -11.67 11.42 -9.01
N SER A 142 -12.93 11.13 -9.31
CA SER A 142 -14.04 11.77 -8.63
C SER A 142 -13.97 11.44 -7.14
N GLU A 143 -14.61 12.25 -6.31
CA GLU A 143 -14.52 11.94 -4.88
C GLU A 143 -15.13 10.58 -4.59
N PRO A 144 -16.23 10.15 -5.20
CA PRO A 144 -16.71 8.79 -4.89
C PRO A 144 -15.71 7.70 -5.27
N HIS A 145 -15.03 7.90 -6.39
CA HIS A 145 -14.02 6.98 -6.89
C HIS A 145 -12.83 6.95 -5.94
N ALA A 146 -12.33 8.14 -5.58
CA ALA A 146 -11.26 8.24 -4.61
C ALA A 146 -11.64 7.61 -3.27
N ARG A 147 -12.90 7.76 -2.85
CA ARG A 147 -13.34 7.30 -1.55
C ARG A 147 -13.39 5.78 -1.50
N PHE A 148 -13.81 5.16 -2.61
CA PHE A 148 -13.83 3.70 -2.72
C PHE A 148 -12.46 3.09 -2.49
N TYR A 149 -11.43 3.64 -3.14
CA TYR A 149 -10.05 3.23 -2.87
C TYR A 149 -9.60 3.56 -1.43
N ALA A 150 -9.89 4.78 -0.97
CA ALA A 150 -9.47 5.20 0.36
C ALA A 150 -10.03 4.27 1.43
N ALA A 151 -11.28 3.88 1.27
CA ALA A 151 -11.90 3.02 2.26
C ALA A 151 -11.11 1.72 2.36
N GLN A 152 -10.63 1.19 1.23
CA GLN A 152 -9.85 -0.04 1.26
C GLN A 152 -8.52 0.18 1.97
N ILE A 153 -7.86 1.32 1.75
CA ILE A 153 -6.61 1.57 2.47
C ILE A 153 -6.87 1.70 3.96
N VAL A 154 -7.99 2.34 4.33
CA VAL A 154 -8.30 2.55 5.75
C VAL A 154 -8.45 1.21 6.41
N LEU A 155 -9.21 0.31 5.78
CA LEU A 155 -9.39 -1.00 6.37
C LEU A 155 -8.08 -1.75 6.41
N THR A 156 -7.27 -1.64 5.35
CA THR A 156 -6.01 -2.36 5.32
C THR A 156 -5.05 -1.85 6.38
N PHE A 157 -4.98 -0.54 6.58
CA PHE A 157 -4.15 -0.03 7.64
C PHE A 157 -4.70 -0.41 9.00
N GLU A 158 -6.02 -0.43 9.17
CA GLU A 158 -6.56 -0.84 10.46
C GLU A 158 -6.10 -2.24 10.77
N TYR A 159 -6.06 -3.09 9.75
CA TYR A 159 -5.61 -4.47 9.89
C TYR A 159 -4.14 -4.52 10.20
N LEU A 160 -3.31 -3.90 9.36
CA LEU A 160 -1.86 -3.96 9.54
C LEU A 160 -1.47 -3.40 10.90
N HIS A 161 -2.04 -2.26 11.27
CA HIS A 161 -1.64 -1.60 12.50
C HIS A 161 -2.04 -2.42 13.72
N SER A 162 -3.10 -3.20 13.62
CA SER A 162 -3.46 -4.07 14.72
C SER A 162 -2.43 -5.18 14.90
N LEU A 163 -1.72 -5.53 13.83
CA LEU A 163 -0.62 -6.49 13.94
C LEU A 163 0.70 -5.83 14.30
N ASP A 164 0.65 -4.55 14.66
CA ASP A 164 1.83 -3.73 14.91
C ASP A 164 2.73 -3.61 13.70
N LEU A 165 2.16 -3.70 12.51
CA LEU A 165 2.90 -3.48 11.28
C LEU A 165 2.70 -2.05 10.81
N ILE A 166 3.79 -1.34 10.55
CA ILE A 166 3.77 -0.04 9.91
C ILE A 166 4.22 -0.26 8.49
N TYR A 167 3.48 0.32 7.53
CA TYR A 167 3.65 0.01 6.11
C TYR A 167 4.72 0.88 5.45
N ARG A 168 4.60 2.20 5.59
CA ARG A 168 5.65 3.17 5.29
C ARG A 168 5.95 3.45 3.83
N ASP A 169 5.18 2.95 2.86
CA ASP A 169 5.43 3.33 1.47
C ASP A 169 4.14 3.37 0.68
N LEU A 170 3.11 3.97 1.27
CA LEU A 170 1.88 4.20 0.53
C LEU A 170 2.11 5.23 -0.58
N LYS A 171 1.64 4.89 -1.77
CA LYS A 171 1.61 5.74 -2.95
C LYS A 171 0.91 4.99 -4.07
N PRO A 172 0.38 5.71 -5.05
CA PRO A 172 -0.37 5.03 -6.14
C PRO A 172 0.48 4.03 -6.89
N GLU A 173 1.79 4.23 -6.92
CA GLU A 173 2.69 3.29 -7.58
C GLU A 173 2.61 1.89 -6.95
N ASN A 174 2.25 1.82 -5.67
CA ASN A 174 2.27 0.56 -4.92
C ASN A 174 0.91 -0.06 -4.78
N LEU A 175 -0.09 0.49 -5.44
CA LEU A 175 -1.46 0.03 -5.35
C LEU A 175 -1.87 -0.54 -6.68
N LEU A 176 -2.04 -1.85 -6.73
CA LEU A 176 -2.46 -2.53 -7.93
C LEU A 176 -3.99 -2.62 -7.97
N ILE A 177 -4.57 -2.61 -9.16
CA ILE A 177 -6.02 -2.74 -9.31
C ILE A 177 -6.33 -4.12 -9.89
N ASP A 178 -7.23 -4.86 -9.22
CA ASP A 178 -7.50 -6.23 -9.65
C ASP A 178 -8.68 -6.25 -10.62
N GLN A 179 -9.05 -7.47 -11.06
CA GLN A 179 -10.02 -7.61 -12.15
C GLN A 179 -11.41 -7.16 -11.74
N GLN A 180 -11.71 -7.07 -10.43
CA GLN A 180 -12.97 -6.51 -9.95
C GLN A 180 -12.87 -5.01 -9.63
N GLY A 181 -11.71 -4.40 -9.82
CA GLY A 181 -11.54 -2.98 -9.57
C GLY A 181 -11.12 -2.63 -8.15
N TYR A 182 -10.85 -3.62 -7.32
CA TYR A 182 -10.39 -3.40 -5.96
C TYR A 182 -8.86 -3.33 -5.95
N ILE A 183 -8.34 -2.79 -4.85
CA ILE A 183 -6.92 -2.60 -4.63
C ILE A 183 -6.27 -3.83 -4.02
N GLN A 184 -5.02 -4.04 -4.44
CA GLN A 184 -4.07 -4.97 -3.85
C GLN A 184 -2.82 -4.18 -3.53
N VAL A 185 -2.53 -4.08 -2.26
CA VAL A 185 -1.31 -3.41 -1.80
C VAL A 185 -0.16 -4.36 -2.02
N THR A 186 0.89 -3.83 -2.62
CA THR A 186 2.10 -4.60 -2.83
C THR A 186 3.27 -3.80 -2.27
N ASP A 187 4.37 -4.52 -2.11
CA ASP A 187 5.67 -4.00 -1.70
C ASP A 187 5.73 -3.66 -0.21
N PHE A 188 6.10 -4.66 0.57
CA PHE A 188 6.27 -4.55 2.01
C PHE A 188 7.72 -4.42 2.40
N GLY A 189 8.54 -3.90 1.48
CA GLY A 189 9.97 -3.84 1.71
C GLY A 189 10.37 -2.85 2.78
N PHE A 190 9.52 -1.87 3.09
CA PHE A 190 9.81 -0.96 4.21
C PHE A 190 8.90 -1.17 5.41
N ALA A 191 8.05 -2.18 5.38
CA ALA A 191 7.18 -2.45 6.52
C ALA A 191 7.98 -3.00 7.70
N LYS A 192 7.47 -2.75 8.89
CA LYS A 192 8.20 -3.17 10.08
C LYS A 192 7.22 -3.40 11.21
N ARG A 193 7.50 -4.41 12.00
CA ARG A 193 6.65 -4.83 13.11
C ARG A 193 7.27 -4.22 14.36
N VAL A 194 6.79 -3.04 14.71
CA VAL A 194 7.31 -2.22 15.79
C VAL A 194 6.13 -1.86 16.66
N LYS A 195 6.18 -2.21 17.95
CA LYS A 195 5.09 -1.83 18.86
C LYS A 195 5.15 -0.35 19.18
N GLY A 196 6.33 0.16 19.52
CA GLY A 196 6.44 1.55 19.91
C GLY A 196 6.80 2.51 18.79
N ARG A 197 7.99 3.10 18.88
CA ARG A 197 8.50 4.00 17.86
C ARG A 197 9.62 3.34 17.07
N THR A 198 9.89 3.94 15.91
CA THR A 198 11.03 3.55 15.10
C THR A 198 11.60 4.81 14.48
N TRP A 199 12.78 4.70 13.88
CA TRP A 199 13.52 5.90 13.51
C TRP A 199 14.03 5.94 12.06
N TPO A 200 13.85 4.86 11.31
CA TPO A 200 14.50 4.80 9.99
CB TPO A 200 14.34 3.44 9.38
CG2 TPO A 200 15.11 3.38 8.06
OG1 TPO A 200 14.96 2.49 10.25
P TPO A 200 13.83 1.46 10.70
O1P TPO A 200 14.57 0.66 11.82
O2P TPO A 200 13.40 0.54 9.61
O3P TPO A 200 12.57 2.17 11.38
C TPO A 200 13.96 5.86 9.06
O TPO A 200 12.75 6.04 8.95
H TPO A 200 13.37 4.18 11.52
HA TPO A 200 15.46 4.96 10.12
HB TPO A 200 13.29 3.23 9.22
HG21 TPO A 200 15.22 2.34 7.74
HG22 TPO A 200 16.09 3.83 8.18
HG23 TPO A 200 14.56 3.93 7.29
N LEU A 201 14.87 6.58 8.39
CA LEU A 201 14.47 7.47 7.29
C LEU A 201 14.16 6.63 6.04
N CYS A 202 12.87 6.41 5.77
CA CYS A 202 12.50 5.65 4.59
C CYS A 202 11.14 6.10 4.10
N GLY A 203 10.87 5.85 2.82
CA GLY A 203 9.63 6.17 2.16
C GLY A 203 9.88 6.97 0.88
N THR A 204 8.82 7.62 0.39
CA THR A 204 8.89 8.36 -0.85
C THR A 204 8.66 9.82 -0.56
N PRO A 205 9.49 10.74 -1.08
CA PRO A 205 9.49 12.13 -0.57
C PRO A 205 8.11 12.75 -0.44
N GLU A 206 7.29 12.69 -1.50
CA GLU A 206 5.97 13.31 -1.49
C GLU A 206 5.06 12.77 -0.39
N TYR A 207 5.34 11.58 0.14
CA TYR A 207 4.46 10.89 1.07
C TYR A 207 5.00 10.88 2.50
N LEU A 208 6.18 11.48 2.76
CA LEU A 208 6.77 11.39 4.09
C LEU A 208 6.05 12.30 5.07
N ALA A 209 5.72 11.77 6.24
CA ALA A 209 5.21 12.61 7.30
C ALA A 209 6.29 13.55 7.83
N PRO A 210 5.89 14.70 8.36
CA PRO A 210 6.90 15.66 8.84
C PRO A 210 7.84 15.10 9.88
N GLU A 211 7.34 14.21 10.77
CA GLU A 211 8.20 13.69 11.84
C GLU A 211 9.30 12.78 11.28
N ILE A 212 9.09 12.16 10.12
CA ILE A 212 10.18 11.46 9.47
C ILE A 212 11.21 12.44 8.96
N ILE A 213 10.75 13.46 8.24
CA ILE A 213 11.65 14.49 7.71
C ILE A 213 12.46 15.12 8.81
N LEU A 214 11.84 15.33 9.97
CA LEU A 214 12.53 16.07 11.00
C LEU A 214 13.39 15.16 11.88
N SER A 215 13.56 13.90 11.47
CA SER A 215 14.48 12.96 12.14
C SER A 215 14.01 12.63 13.54
N LYS A 216 12.70 12.54 13.71
CA LYS A 216 12.16 12.14 14.99
C LYS A 216 11.91 10.64 15.01
N GLY A 217 11.81 10.10 16.22
CA GLY A 217 11.15 8.83 16.38
C GLY A 217 9.69 8.98 16.00
N TYR A 218 9.15 7.96 15.37
CA TYR A 218 7.78 8.06 14.88
C TYR A 218 7.11 6.71 15.03
N ASN A 219 5.82 6.70 14.69
CA ASN A 219 4.94 5.54 14.89
C ASN A 219 3.98 5.46 13.72
N LYS A 220 2.96 4.60 13.88
CA LYS A 220 2.07 4.25 12.78
C LYS A 220 1.32 5.44 12.23
N ALA A 221 1.34 6.56 12.96
CA ALA A 221 0.70 7.75 12.46
C ALA A 221 1.28 8.22 11.15
N VAL A 222 2.51 7.83 10.79
CA VAL A 222 3.00 8.23 9.47
C VAL A 222 2.16 7.63 8.35
N ASP A 223 1.57 6.45 8.57
CA ASP A 223 0.71 5.85 7.55
C ASP A 223 -0.57 6.65 7.36
N TRP A 224 -1.10 7.24 8.44
CA TRP A 224 -2.31 8.03 8.29
C TRP A 224 -2.03 9.35 7.56
N TRP A 225 -0.90 10.00 7.87
CA TRP A 225 -0.45 11.12 7.05
C TRP A 225 -0.39 10.72 5.57
N ALA A 226 0.27 9.59 5.30
CA ALA A 226 0.39 9.15 3.91
C ALA A 226 -0.98 8.92 3.27
N LEU A 227 -1.97 8.45 4.04
CA LEU A 227 -3.30 8.29 3.46
C LEU A 227 -3.87 9.64 3.03
N GLY A 228 -3.63 10.66 3.85
CA GLY A 228 -4.01 12.01 3.47
C GLY A 228 -3.36 12.43 2.16
N VAL A 229 -2.07 12.14 1.99
CA VAL A 229 -1.43 12.51 0.73
C VAL A 229 -2.08 11.73 -0.41
N LEU A 230 -2.34 10.45 -0.22
CA LEU A 230 -2.94 9.63 -1.27
C LEU A 230 -4.31 10.15 -1.63
N ILE A 231 -5.14 10.42 -0.63
CA ILE A 231 -6.50 10.86 -0.95
C ILE A 231 -6.44 12.15 -1.74
N TYR A 232 -5.60 13.08 -1.30
CA TYR A 232 -5.45 14.33 -2.00
C TYR A 232 -5.01 14.08 -3.43
N GLU A 233 -4.00 13.24 -3.63
CA GLU A 233 -3.49 13.04 -4.97
C GLU A 233 -4.54 12.40 -5.85
N MET A 234 -5.27 11.42 -5.31
CA MET A 234 -6.30 10.78 -6.11
C MET A 234 -7.37 11.78 -6.55
N ALA A 235 -7.75 12.69 -5.65
CA ALA A 235 -8.85 13.59 -5.96
C ALA A 235 -8.42 14.84 -6.69
N ALA A 236 -7.16 15.26 -6.56
CA ALA A 236 -6.63 16.41 -7.27
C ALA A 236 -5.93 16.07 -8.56
N GLY A 237 -5.35 14.87 -8.63
CA GLY A 237 -4.49 14.47 -9.73
C GLY A 237 -3.04 14.80 -9.54
N TYR A 238 -2.69 15.47 -8.45
CA TYR A 238 -1.33 15.82 -8.08
C TYR A 238 -1.26 15.83 -6.55
N PRO A 239 -0.08 15.65 -5.97
CA PRO A 239 0.03 15.57 -4.54
C PRO A 239 0.01 16.93 -3.87
N PRO A 240 -0.20 16.95 -2.56
CA PRO A 240 -0.33 18.25 -1.86
C PRO A 240 0.99 18.96 -1.71
N PHE A 241 2.12 18.23 -1.74
CA PHE A 241 3.42 18.86 -1.62
C PHE A 241 4.30 18.37 -2.75
N PHE A 242 4.70 19.29 -3.63
CA PHE A 242 5.67 18.93 -4.65
C PHE A 242 6.56 20.12 -4.95
N ALA A 243 7.68 19.80 -5.59
CA ALA A 243 8.71 20.76 -5.95
C ALA A 243 9.69 20.04 -6.87
N ASP A 244 10.63 20.80 -7.43
CA ASP A 244 11.62 20.22 -8.33
C ASP A 244 12.46 19.17 -7.63
N GLN A 245 12.81 19.41 -6.38
CA GLN A 245 13.73 18.54 -5.67
C GLN A 245 13.16 18.18 -4.32
N PRO A 246 13.55 17.05 -3.76
CA PRO A 246 12.95 16.62 -2.48
C PRO A 246 13.15 17.62 -1.34
N ILE A 247 14.31 18.27 -1.24
CA ILE A 247 14.54 19.15 -0.10
C ILE A 247 13.48 20.26 -0.07
N GLN A 248 13.08 20.73 -1.25
CA GLN A 248 12.03 21.77 -1.30
C GLN A 248 10.65 21.21 -0.99
N ILE A 249 10.40 19.95 -1.37
CA ILE A 249 9.16 19.28 -0.96
C ILE A 249 9.07 19.20 0.54
N TYR A 250 10.20 18.87 1.20
CA TYR A 250 10.19 18.67 2.65
C TYR A 250 9.88 19.96 3.40
N GLU A 251 10.42 21.08 2.90
CA GLU A 251 10.08 22.38 3.49
C GLU A 251 8.57 22.62 3.45
N LYS A 252 7.93 22.25 2.34
CA LYS A 252 6.49 22.40 2.24
C LYS A 252 5.77 21.48 3.21
N ILE A 253 6.21 20.22 3.28
CA ILE A 253 5.57 19.26 4.18
C ILE A 253 5.60 19.78 5.60
N VAL A 254 6.77 20.21 6.07
CA VAL A 254 6.88 20.60 7.47
C VAL A 254 6.18 21.93 7.78
N SER A 255 6.02 22.80 6.77
CA SER A 255 5.44 24.13 6.93
C SER A 255 4.09 24.16 7.64
N GLY A 256 3.36 23.05 7.69
CA GLY A 256 2.03 23.10 8.24
C GLY A 256 1.00 23.82 7.40
N LYS A 257 1.26 24.01 6.09
CA LYS A 257 0.30 24.61 5.16
C LYS A 257 0.02 23.64 4.02
N VAL A 258 -1.23 23.65 3.56
CA VAL A 258 -1.72 22.81 2.45
C VAL A 258 -2.83 23.59 1.76
N ARG A 259 -2.83 23.58 0.44
CA ARG A 259 -3.83 24.27 -0.35
C ARG A 259 -4.62 23.24 -1.15
N PHE A 260 -5.91 23.51 -1.34
CA PHE A 260 -6.81 22.57 -1.97
C PHE A 260 -7.40 23.13 -3.26
N PRO A 261 -7.57 22.29 -4.27
CA PRO A 261 -8.35 22.67 -5.46
C PRO A 261 -9.74 23.15 -5.09
N SER A 262 -10.31 24.01 -5.93
CA SER A 262 -11.61 24.57 -5.60
C SER A 262 -12.74 23.56 -5.77
N HIS A 263 -12.52 22.44 -6.47
CA HIS A 263 -13.56 21.44 -6.62
C HIS A 263 -13.61 20.46 -5.46
N PHE A 264 -12.65 20.51 -4.53
CA PHE A 264 -12.72 19.66 -3.35
C PHE A 264 -13.93 20.06 -2.51
N SER A 265 -14.70 19.07 -2.07
CA SER A 265 -15.79 19.33 -1.16
C SER A 265 -15.27 19.79 0.22
N SER A 266 -16.11 20.54 0.93
CA SER A 266 -15.78 20.89 2.31
C SER A 266 -15.49 19.64 3.15
N ASP A 267 -16.25 18.57 2.96
CA ASP A 267 -16.01 17.36 3.74
C ASP A 267 -14.62 16.82 3.47
N LEU A 268 -14.22 16.81 2.22
CA LEU A 268 -12.90 16.27 1.89
C LEU A 268 -11.81 17.15 2.46
N LYS A 269 -11.96 18.45 2.37
CA LYS A 269 -10.94 19.33 2.91
C LYS A 269 -10.83 19.15 4.41
N ASP A 270 -11.96 18.96 5.10
CA ASP A 270 -11.89 18.77 6.53
C ASP A 270 -11.12 17.52 6.87
N LEU A 271 -11.42 16.42 6.17
CA LEU A 271 -10.72 15.16 6.40
C LEU A 271 -9.22 15.34 6.17
N LEU A 272 -8.85 15.98 5.05
CA LEU A 272 -7.45 16.11 4.71
C LEU A 272 -6.73 17.03 5.70
N ARG A 273 -7.40 18.06 6.19
CA ARG A 273 -6.72 18.89 7.19
C ARG A 273 -6.44 18.11 8.48
N ASN A 274 -7.24 17.08 8.77
CA ASN A 274 -7.05 16.27 9.96
C ASN A 274 -6.10 15.10 9.73
N LEU A 275 -5.92 14.65 8.49
CA LEU A 275 -4.88 13.67 8.23
C LEU A 275 -3.53 14.35 8.02
N LEU A 276 -3.52 15.45 7.27
CA LEU A 276 -2.30 16.18 6.94
C LEU A 276 -2.01 17.15 8.05
N GLN A 277 -2.04 16.65 9.28
CA GLN A 277 -1.90 17.45 10.50
C GLN A 277 -0.49 17.23 11.01
N VAL A 278 0.32 18.29 11.01
CA VAL A 278 1.70 18.16 11.49
C VAL A 278 1.71 17.82 12.98
N ASP A 279 0.76 18.34 13.75
CA ASP A 279 0.70 18.16 15.19
C ASP A 279 0.19 16.75 15.49
N LEU A 280 1.10 15.87 15.93
CA LEU A 280 0.71 14.49 16.23
C LEU A 280 -0.38 14.37 17.28
N THR A 281 -0.60 15.38 18.11
CA THR A 281 -1.65 15.27 19.11
C THR A 281 -3.03 15.57 18.54
N LYS A 282 -3.10 16.02 17.28
CA LYS A 282 -4.35 16.34 16.62
C LYS A 282 -4.59 15.51 15.37
N ARG A 283 -3.65 14.66 14.97
CA ARG A 283 -3.75 13.98 13.70
C ARG A 283 -4.69 12.79 13.80
N PHE A 284 -5.67 12.76 12.92
CA PHE A 284 -6.59 11.64 12.87
C PHE A 284 -5.83 10.34 12.64
N GLY A 285 -6.30 9.29 13.31
CA GLY A 285 -5.62 8.03 13.35
C GLY A 285 -4.68 7.88 14.51
N ASN A 286 -4.35 8.98 15.20
CA ASN A 286 -3.39 9.02 16.29
C ASN A 286 -4.01 9.47 17.61
N LEU A 287 -5.34 9.59 17.67
CA LEU A 287 -6.05 10.11 18.82
C LEU A 287 -6.67 8.96 19.61
N LYS A 288 -7.30 9.31 20.74
CA LYS A 288 -7.92 8.31 21.61
C LYS A 288 -8.86 7.41 20.83
N ASN A 289 -9.63 7.98 19.93
CA ASN A 289 -10.63 7.26 19.15
C ASN A 289 -10.03 6.51 17.97
N GLY A 290 -8.72 6.55 17.77
CA GLY A 290 -8.08 5.70 16.77
C GLY A 290 -8.64 5.87 15.35
N VAL A 291 -8.83 4.74 14.68
CA VAL A 291 -9.23 4.75 13.27
C VAL A 291 -10.67 5.20 13.14
N ASN A 292 -11.43 5.14 14.23
CA ASN A 292 -12.82 5.53 14.18
C ASN A 292 -12.99 7.01 13.85
N ASP A 293 -12.04 7.86 14.22
CA ASP A 293 -12.14 9.26 13.79
C ASP A 293 -12.19 9.35 12.27
N ILE A 294 -11.47 8.47 11.59
CA ILE A 294 -11.49 8.46 10.13
C ILE A 294 -12.76 7.80 9.61
N LYS A 295 -13.08 6.60 10.09
CA LYS A 295 -14.22 5.88 9.54
C LYS A 295 -15.53 6.63 9.74
N ASN A 296 -15.63 7.42 10.80
CA ASN A 296 -16.87 8.09 11.13
C ASN A 296 -16.90 9.51 10.61
N HIS A 297 -15.86 9.93 9.91
CA HIS A 297 -15.85 11.26 9.33
C HIS A 297 -16.93 11.42 8.26
N LYS A 298 -17.43 12.65 8.14
CA LYS A 298 -18.52 12.94 7.18
C LYS A 298 -18.16 12.52 5.77
N TRP A 299 -16.90 12.63 5.39
CA TRP A 299 -16.58 12.30 4.01
C TRP A 299 -16.83 10.83 3.70
N PHE A 300 -16.81 9.99 4.73
CA PHE A 300 -17.08 8.57 4.60
C PHE A 300 -18.48 8.19 5.02
N ALA A 301 -19.39 9.18 5.13
CA ALA A 301 -20.76 8.92 5.58
C ALA A 301 -21.45 7.84 4.75
N THR A 302 -21.22 7.83 3.45
CA THR A 302 -21.89 6.86 2.57
C THR A 302 -21.17 5.53 2.51
N THR A 303 -20.04 5.37 3.18
CA THR A 303 -19.27 4.15 3.06
C THR A 303 -19.85 3.07 3.96
N ASP A 304 -20.20 1.95 3.37
CA ASP A 304 -20.58 0.75 4.09
C ASP A 304 -19.31 -0.06 4.26
N TRP A 305 -18.69 0.05 5.43
CA TRP A 305 -17.37 -0.52 5.63
C TRP A 305 -17.38 -2.04 5.46
N ILE A 306 -18.43 -2.69 5.92
CA ILE A 306 -18.48 -4.15 5.83
C ILE A 306 -18.64 -4.57 4.38
N ALA A 307 -19.45 -3.84 3.62
CA ALA A 307 -19.63 -4.15 2.20
C ALA A 307 -18.34 -3.95 1.43
N ILE A 308 -17.55 -2.94 1.79
CA ILE A 308 -16.23 -2.79 1.17
C ILE A 308 -15.37 -4.01 1.49
N TYR A 309 -15.30 -4.38 2.77
CA TYR A 309 -14.48 -5.51 3.18
C TYR A 309 -14.92 -6.80 2.49
N GLN A 310 -16.23 -7.01 2.35
CA GLN A 310 -16.77 -8.20 1.67
C GLN A 310 -16.71 -8.10 0.16
N ARG A 311 -16.24 -6.96 -0.36
CA ARG A 311 -16.09 -6.74 -1.79
C ARG A 311 -17.43 -6.87 -2.50
N LYS A 312 -18.47 -6.37 -1.85
CA LYS A 312 -19.82 -6.37 -2.42
C LYS A 312 -20.18 -5.06 -3.09
N VAL A 313 -19.31 -4.09 -3.02
CA VAL A 313 -19.58 -2.78 -3.59
C VAL A 313 -19.16 -2.78 -5.06
N GLU A 314 -20.02 -2.24 -5.94
CA GLU A 314 -19.68 -2.16 -7.37
C GLU A 314 -18.56 -1.14 -7.54
N ALA A 315 -17.45 -1.57 -8.12
CA ALA A 315 -16.34 -0.65 -8.23
C ALA A 315 -16.64 0.43 -9.28
N PRO A 316 -16.10 1.63 -9.09
CA PRO A 316 -16.36 2.71 -10.05
C PRO A 316 -15.59 2.54 -11.34
N PHE A 317 -14.65 1.60 -11.40
CA PHE A 317 -13.77 1.48 -12.55
C PHE A 317 -13.26 0.04 -12.62
N ILE A 318 -13.41 -0.57 -13.78
CA ILE A 318 -12.88 -1.92 -14.00
C ILE A 318 -11.84 -1.83 -15.12
N PRO A 319 -10.55 -2.00 -14.84
CA PRO A 319 -9.55 -1.97 -15.91
C PRO A 319 -9.91 -2.95 -17.03
N LYS A 320 -9.48 -2.60 -18.24
CA LYS A 320 -9.70 -3.47 -19.39
C LYS A 320 -9.03 -4.81 -19.15
N PHE A 321 -9.79 -5.90 -19.33
CA PHE A 321 -9.32 -7.24 -19.01
C PHE A 321 -9.33 -8.05 -20.29
N LYS A 322 -8.23 -7.97 -21.03
CA LYS A 322 -8.11 -8.64 -22.32
C LYS A 322 -7.82 -10.13 -22.18
N GLY A 323 -7.81 -10.67 -20.95
CA GLY A 323 -7.58 -12.07 -20.73
C GLY A 323 -6.68 -12.35 -19.54
N PRO A 324 -6.59 -13.61 -19.13
CA PRO A 324 -5.59 -13.97 -18.13
C PRO A 324 -4.22 -13.97 -18.77
N GLY A 325 -3.23 -13.48 -18.03
CA GLY A 325 -1.92 -13.31 -18.61
C GLY A 325 -1.79 -12.14 -19.56
N ASP A 326 -2.86 -11.38 -19.78
CA ASP A 326 -2.75 -10.14 -20.52
C ASP A 326 -1.97 -9.14 -19.69
N THR A 327 -0.96 -8.52 -20.29
CA THR A 327 -0.06 -7.62 -19.58
C THR A 327 -0.24 -6.17 -20.00
N SER A 328 -1.33 -5.84 -20.72
CA SER A 328 -1.42 -4.55 -21.37
C SER A 328 -1.60 -3.38 -20.40
N ASN A 329 -2.11 -3.64 -19.19
CA ASN A 329 -2.19 -2.60 -18.17
C ASN A 329 -0.85 -2.37 -17.48
N PHE A 330 0.19 -3.11 -17.86
CA PHE A 330 1.53 -2.91 -17.35
C PHE A 330 2.41 -2.47 -18.51
N ASP A 331 3.45 -1.72 -18.19
CA ASP A 331 4.25 -1.18 -19.27
C ASP A 331 5.33 -2.19 -19.65
N ASP A 332 6.13 -1.84 -20.65
CA ASP A 332 7.05 -2.76 -21.28
C ASP A 332 8.46 -2.51 -20.79
N TYR A 333 9.21 -3.59 -20.57
CA TYR A 333 10.53 -3.51 -19.96
C TYR A 333 11.49 -4.38 -20.78
N GLU A 334 12.65 -4.69 -20.21
CA GLU A 334 13.79 -5.17 -21.00
C GLU A 334 13.70 -6.65 -21.34
N GLU A 335 14.68 -7.47 -20.90
CA GLU A 335 14.77 -8.79 -21.49
C GLU A 335 15.79 -9.75 -20.85
N GLU A 336 16.19 -9.53 -19.60
CA GLU A 336 17.27 -10.31 -19.02
C GLU A 336 16.90 -11.79 -18.89
N GLU A 337 17.93 -12.65 -18.86
CA GLU A 337 17.79 -14.07 -18.58
C GLU A 337 18.04 -14.36 -17.11
N ILE A 338 17.85 -15.61 -16.69
CA ILE A 338 17.87 -15.99 -15.28
C ILE A 338 18.93 -17.07 -15.10
N ARG A 339 20.10 -16.67 -14.58
CA ARG A 339 21.23 -17.58 -14.38
C ARG A 339 20.83 -18.88 -13.67
N GLU A 344 26.16 -22.22 -5.12
CA GLU A 344 25.37 -21.52 -4.11
C GLU A 344 26.03 -20.21 -3.68
N LYS A 345 25.23 -19.15 -3.56
CA LYS A 345 25.72 -17.82 -3.17
C LYS A 345 24.91 -17.31 -1.99
N CYS A 346 25.61 -16.91 -0.94
CA CYS A 346 24.99 -16.24 0.22
C CYS A 346 24.03 -17.19 0.96
N GLY A 347 24.44 -18.44 1.12
CA GLY A 347 23.56 -19.44 1.72
C GLY A 347 23.22 -19.14 3.17
N LYS A 348 24.24 -18.85 3.99
CA LYS A 348 23.99 -18.55 5.40
C LYS A 348 23.01 -17.38 5.55
N GLU A 349 23.27 -16.28 4.82
CA GLU A 349 22.46 -15.08 4.98
C GLU A 349 20.97 -15.33 4.80
N PHE A 350 20.57 -16.36 4.03
CA PHE A 350 19.18 -16.49 3.64
C PHE A 350 18.56 -17.81 4.09
N THR A 351 19.11 -18.42 5.14
CA THR A 351 18.57 -19.68 5.64
C THR A 351 17.07 -19.61 5.83
N GLU A 352 16.58 -18.50 6.41
CA GLU A 352 15.19 -18.40 6.83
C GLU A 352 14.23 -18.21 5.67
N PHE A 353 14.73 -17.86 4.50
CA PHE A 353 13.85 -17.57 3.36
C PHE A 353 13.13 -18.85 2.90
N THR B 1 -0.75 28.02 -12.71
CA THR B 1 -1.72 27.25 -11.95
C THR B 1 -0.99 26.16 -11.21
N THR B 2 -1.68 25.55 -10.24
CA THR B 2 -1.08 24.45 -9.49
C THR B 2 -0.78 23.27 -10.40
N TYR B 3 -1.71 22.93 -11.30
CA TYR B 3 -1.46 21.83 -12.24
C TYR B 3 -0.23 22.09 -13.09
N ALA B 4 -0.10 23.31 -13.61
CA ALA B 4 1.07 23.67 -14.40
C ALA B 4 2.35 23.54 -13.57
N ASP B 5 2.30 23.95 -12.31
CA ASP B 5 3.45 23.83 -11.42
C ASP B 5 3.82 22.37 -11.27
N PHE B 6 2.82 21.51 -11.14
CA PHE B 6 3.08 20.09 -11.05
C PHE B 6 3.79 19.58 -12.29
N ILE B 7 3.31 19.97 -13.47
CA ILE B 7 4.01 19.48 -14.66
C ILE B 7 5.44 20.02 -14.67
N ALA B 8 5.63 21.25 -14.21
CA ALA B 8 6.95 21.86 -14.30
C ALA B 8 7.93 21.26 -13.30
N SER B 9 7.42 20.66 -12.22
CA SER B 9 8.26 20.03 -11.21
C SER B 9 9.11 18.91 -11.78
N GLY B 10 8.68 18.28 -12.86
CA GLY B 10 9.37 17.12 -13.37
C GLY B 10 9.21 15.87 -12.54
N ARG B 11 8.30 15.86 -11.57
CA ARG B 11 8.04 14.67 -10.74
C ARG B 11 6.64 14.12 -11.00
N THR B 12 6.23 14.06 -12.27
CA THR B 12 4.96 13.46 -12.66
C THR B 12 5.05 11.97 -12.92
N GLY B 13 6.26 11.41 -13.04
CA GLY B 13 6.45 10.01 -13.34
C GLY B 13 6.55 9.20 -12.05
N ARG B 14 6.80 7.90 -12.19
CA ARG B 14 6.84 7.04 -11.02
C ARG B 14 7.96 7.49 -10.10
N ARG B 15 7.65 7.61 -8.82
CA ARG B 15 8.56 8.15 -7.82
C ARG B 15 9.28 7.03 -7.08
N ASN B 16 10.60 7.14 -6.99
CA ASN B 16 11.37 6.17 -6.23
C ASN B 16 11.29 6.47 -4.73
N ALA B 17 11.44 5.41 -3.94
CA ALA B 17 11.67 5.62 -2.51
C ALA B 17 13.07 6.19 -2.29
N ILE B 18 13.28 6.74 -1.11
CA ILE B 18 14.61 7.09 -0.64
C ILE B 18 15.61 5.92 -0.71
C2 S9B C . 2.45 -7.22 -10.25
C4 S9B C . 1.09 -8.86 -8.54
C6 S9B C . 2.92 -7.38 -8.92
N S9B C . 0.61 -8.72 -9.78
C S9B C . 4.23 -5.66 -10.70
O S9B C . 5.53 -5.83 -6.84
C1 S9B C . 3.14 -6.36 -11.13
C3 S9B C . 1.28 -7.94 -10.61
C5 S9B C . 2.20 -8.24 -8.07
C7 S9B C . 4.08 -6.63 -8.51
C8 S9B C . 4.71 -5.80 -9.41
C9 S9B C . 4.65 -6.67 -7.11
O1 S9B C . 4.23 -7.56 -6.33
#